data_6RZS
#
_entry.id   6RZS
#
_cell.length_a   54.688
_cell.length_b   48.105
_cell.length_c   92.574
_cell.angle_alpha   90.000
_cell.angle_beta   105.730
_cell.angle_gamma   90.000
#
_symmetry.space_group_name_H-M   'P 1 21 1'
#
loop_
_entity.id
_entity.type
_entity.pdbx_description
1 polymer Beta-lactamase
2 non-polymer 'hydrolysed ertapenem'
3 non-polymer 'ZINC ION'
4 water water
#
_entity_poly.entity_id   1
_entity_poly.type   'polypeptide(L)'
_entity_poly.pdbx_seq_one_letter_code
;GALPDLKIEKLEEGVFVHTSFEEVNGWGVVTKHGLVVLVNTDAYLIDTPFTATDTEKLVNWFVERGYEIKGTISSHFHSD
STGGIEWLNSQSIPTYASELTNELLKKSGKVQAKYSFSEVSYWLVKNKIEVFYPGPGHTQDNLVVWLPESKILFGGCFIK
PHGLGNLGDANLEAWPKSAKILMSKYGKAKLVVSSHSEKGDASLMKRTWEQALKGLKESKKTSSPSN
;
_entity_poly.pdbx_strand_id   A,B
#
loop_
_chem_comp.id
_chem_comp.type
_chem_comp.name
_chem_comp.formula
LHT non-polymer 'hydrolysed ertapenem' 'C22 H27 N3 O8 S'
ZN non-polymer 'ZINC ION' 'Zn 2'
#
# COMPACT_ATOMS: atom_id res chain seq x y z
N LEU A 3 3.57 9.08 -16.45
CA LEU A 3 3.89 9.44 -15.04
C LEU A 3 3.53 10.91 -14.80
N PRO A 4 2.81 11.25 -13.70
CA PRO A 4 2.43 12.64 -13.41
C PRO A 4 3.65 13.55 -13.19
N ASP A 5 3.50 14.82 -13.53
CA ASP A 5 4.58 15.84 -13.48
C ASP A 5 4.82 16.20 -12.01
N LEU A 6 6.03 16.62 -11.68
CA LEU A 6 6.33 17.19 -10.34
C LEU A 6 5.35 18.33 -10.08
N LYS A 7 4.79 18.42 -8.89
CA LYS A 7 3.91 19.56 -8.53
C LYS A 7 4.44 20.23 -7.27
N ILE A 8 4.26 21.52 -7.20
CA ILE A 8 4.62 22.35 -6.03
C ILE A 8 3.39 23.15 -5.66
N GLU A 9 3.01 23.10 -4.39
CA GLU A 9 1.81 23.80 -3.85
C GLU A 9 2.22 24.52 -2.59
N LYS A 10 1.82 25.76 -2.47
CA LYS A 10 1.94 26.52 -1.21
C LYS A 10 0.90 25.93 -0.26
N LEU A 11 1.34 25.60 0.94
CA LEU A 11 0.50 25.03 2.01
C LEU A 11 0.27 26.12 3.07
N GLU A 12 1.16 27.10 3.13
CA GLU A 12 1.18 28.17 4.15
C GLU A 12 2.24 29.18 3.74
N GLU A 13 2.22 30.39 4.33
CA GLU A 13 3.30 31.38 4.17
C GLU A 13 4.64 30.71 4.48
N GLY A 14 5.52 30.62 3.49
CA GLY A 14 6.88 30.08 3.67
C GLY A 14 6.95 28.56 3.69
N VAL A 15 5.85 27.86 3.40
CA VAL A 15 5.85 26.37 3.51
C VAL A 15 5.16 25.80 2.28
N PHE A 16 5.92 25.03 1.49
CA PHE A 16 5.51 24.48 0.20
C PHE A 16 5.61 22.97 0.28
N VAL A 17 4.67 22.29 -0.37
CA VAL A 17 4.70 20.82 -0.54
C VAL A 17 5.14 20.54 -1.97
N HIS A 18 6.04 19.58 -2.15
CA HIS A 18 6.47 19.15 -3.49
C HIS A 18 6.07 17.69 -3.63
N THR A 19 5.33 17.39 -4.68
CA THR A 19 4.89 16.01 -4.95
C THR A 19 5.63 15.55 -6.20
N SER A 20 6.25 14.39 -6.11
CA SER A 20 6.93 13.72 -7.24
C SER A 20 6.44 12.28 -7.29
N PHE A 21 6.63 11.64 -8.44
CA PHE A 21 6.04 10.32 -8.75
C PHE A 21 7.12 9.47 -9.37
N GLU A 22 7.02 8.16 -9.17
CA GLU A 22 7.95 7.16 -9.75
C GLU A 22 7.29 5.78 -9.70
N GLU A 23 7.59 4.97 -10.70
CA GLU A 23 7.12 3.56 -10.76
C GLU A 23 8.08 2.70 -9.94
N VAL A 24 7.58 2.06 -8.89
CA VAL A 24 8.36 1.07 -8.08
C VAL A 24 7.68 -0.30 -8.24
N ASN A 25 8.49 -1.35 -8.46
CA ASN A 25 7.97 -2.73 -8.65
C ASN A 25 7.08 -3.09 -7.45
N GLY A 26 5.89 -3.61 -7.75
CA GLY A 26 4.91 -4.04 -6.74
C GLY A 26 3.96 -2.91 -6.39
N TRP A 27 4.51 -1.78 -5.93
CA TRP A 27 3.70 -0.66 -5.37
C TRP A 27 3.08 0.18 -6.48
N GLY A 28 3.63 0.08 -7.70
CA GLY A 28 3.15 0.83 -8.88
C GLY A 28 3.64 2.25 -8.81
N VAL A 29 2.82 3.20 -9.22
CA VAL A 29 3.20 4.64 -9.21
C VAL A 29 3.11 5.11 -7.75
N VAL A 30 4.25 5.44 -7.18
CA VAL A 30 4.33 5.96 -5.79
C VAL A 30 4.34 7.49 -5.85
N THR A 31 3.48 8.09 -5.03
CA THR A 31 3.41 9.55 -4.78
C THR A 31 4.25 9.83 -3.54
N LYS A 32 5.20 10.76 -3.66
CA LYS A 32 6.11 11.17 -2.58
C LYS A 32 5.95 12.67 -2.33
N HIS A 33 5.54 13.05 -1.14
CA HIS A 33 5.46 14.46 -0.69
C HIS A 33 6.70 14.84 0.10
N GLY A 34 7.23 16.00 -0.21
CA GLY A 34 8.30 16.66 0.56
C GLY A 34 7.90 18.07 0.87
N LEU A 35 8.76 18.82 1.54
CA LEU A 35 8.50 20.24 1.80
C LEU A 35 9.62 21.10 1.26
N VAL A 36 9.33 22.39 1.21
CA VAL A 36 10.33 23.46 1.02
C VAL A 36 9.93 24.54 2.00
N VAL A 37 10.88 24.97 2.81
CA VAL A 37 10.64 25.98 3.85
C VAL A 37 11.47 27.21 3.47
N LEU A 38 10.87 28.38 3.58
CA LEU A 38 11.52 29.68 3.31
C LEU A 38 11.81 30.35 4.65
N VAL A 39 13.05 30.77 4.84
CA VAL A 39 13.44 31.72 5.91
C VAL A 39 14.08 32.93 5.22
N ASN A 40 13.38 34.06 5.21
CA ASN A 40 13.84 35.25 4.49
C ASN A 40 14.07 34.85 3.02
N THR A 41 15.26 35.10 2.49
CA THR A 41 15.64 34.80 1.08
C THR A 41 16.13 33.35 0.95
N ASP A 42 16.21 32.58 2.03
CA ASP A 42 16.82 31.22 1.99
C ASP A 42 15.70 30.17 1.89
N ALA A 43 15.89 29.15 1.06
CA ALA A 43 14.97 28.01 0.93
C ALA A 43 15.67 26.73 1.43
N TYR A 44 14.89 25.85 2.06
CA TYR A 44 15.37 24.56 2.59
C TYR A 44 14.49 23.44 2.04
N LEU A 45 15.10 22.42 1.44
CA LEU A 45 14.40 21.22 0.92
C LEU A 45 14.30 20.20 2.02
N ILE A 46 13.07 19.80 2.33
CA ILE A 46 12.81 18.66 3.23
C ILE A 46 12.51 17.46 2.32
N ASP A 47 13.49 16.59 2.18
CA ASP A 47 13.48 15.44 1.26
C ASP A 47 13.62 15.94 -0.16
N THR A 48 14.22 15.13 -1.03
CA THR A 48 14.37 15.43 -2.47
C THR A 48 13.33 14.60 -3.22
N PRO A 49 12.88 15.04 -4.41
CA PRO A 49 12.12 14.16 -5.29
C PRO A 49 12.93 12.89 -5.61
N PHE A 50 12.29 11.92 -6.23
CA PHE A 50 12.93 10.62 -6.56
C PHE A 50 14.20 10.87 -7.38
N THR A 51 14.16 11.82 -8.31
CA THR A 51 15.15 11.92 -9.41
C THR A 51 15.90 13.23 -9.31
N ALA A 52 17.12 13.21 -9.84
CA ALA A 52 17.95 14.40 -10.06
C ALA A 52 17.19 15.39 -10.95
N THR A 53 16.46 14.88 -11.95
CA THR A 53 15.64 15.70 -12.87
C THR A 53 14.59 16.51 -12.09
N ASP A 54 13.78 15.83 -11.27
CA ASP A 54 12.69 16.50 -10.51
C ASP A 54 13.34 17.43 -9.49
N THR A 55 14.48 17.06 -8.91
CA THR A 55 15.22 17.89 -7.93
C THR A 55 15.65 19.18 -8.60
N GLU A 56 16.22 19.07 -9.80
CA GLU A 56 16.61 20.25 -10.62
C GLU A 56 15.38 21.14 -10.82
N LYS A 57 14.26 20.55 -11.25
CA LYS A 57 13.01 21.30 -11.49
C LYS A 57 12.61 22.04 -10.21
N LEU A 58 12.67 21.35 -9.07
CA LEU A 58 12.29 21.92 -7.76
C LEU A 58 13.23 23.08 -7.42
N VAL A 59 14.53 22.89 -7.59
CA VAL A 59 15.49 23.97 -7.21
C VAL A 59 15.25 25.21 -8.08
N ASN A 60 15.04 25.01 -9.38
CA ASN A 60 14.85 26.13 -10.33
C ASN A 60 13.60 26.92 -9.98
N TRP A 61 12.55 26.24 -9.52
CA TRP A 61 11.27 26.89 -9.17
C TRP A 61 11.52 27.98 -8.13
N PHE A 62 12.35 27.71 -7.12
CA PHE A 62 12.59 28.68 -6.02
C PHE A 62 13.74 29.61 -6.37
N VAL A 63 14.73 29.13 -7.10
CA VAL A 63 15.79 30.04 -7.62
C VAL A 63 15.14 31.12 -8.48
N GLU A 64 14.16 30.74 -9.31
CA GLU A 64 13.44 31.67 -10.24
C GLU A 64 12.74 32.77 -9.45
N ARG A 65 12.32 32.49 -8.20
CA ARG A 65 11.53 33.43 -7.38
C ARG A 65 12.43 34.20 -6.40
N GLY A 66 13.74 34.14 -6.57
CA GLY A 66 14.69 35.02 -5.85
C GLY A 66 15.23 34.36 -4.58
N TYR A 67 15.02 33.05 -4.43
CA TYR A 67 15.48 32.31 -3.24
C TYR A 67 16.79 31.64 -3.57
N GLU A 68 17.57 31.38 -2.52
CA GLU A 68 18.79 30.55 -2.60
C GLU A 68 18.53 29.33 -1.74
N ILE A 69 18.86 28.15 -2.27
CA ILE A 69 18.76 26.86 -1.52
C ILE A 69 19.97 26.78 -0.58
N LYS A 70 19.76 26.99 0.72
CA LYS A 70 20.85 27.00 1.73
C LYS A 70 21.04 25.61 2.32
N GLY A 71 20.16 24.66 1.98
CA GLY A 71 20.19 23.34 2.61
C GLY A 71 19.08 22.41 2.15
N THR A 72 19.35 21.14 2.35
CA THR A 72 18.45 20.02 2.06
C THR A 72 18.61 18.97 3.15
N ILE A 73 17.52 18.46 3.70
CA ILE A 73 17.57 17.41 4.74
C ILE A 73 16.84 16.20 4.18
N SER A 74 17.48 15.06 4.24
CA SER A 74 16.86 13.75 3.98
C SER A 74 16.36 13.15 5.30
N SER A 75 15.09 12.75 5.33
CA SER A 75 14.46 12.17 6.55
C SER A 75 14.88 10.71 6.74
N HIS A 76 15.39 10.02 5.72
CA HIS A 76 15.92 8.64 5.85
C HIS A 76 16.64 8.25 4.55
N PHE A 77 17.18 7.03 4.46
CA PHE A 77 18.22 6.74 3.44
C PHE A 77 17.62 6.23 2.13
N HIS A 78 16.33 5.89 2.09
CA HIS A 78 15.68 5.35 0.87
C HIS A 78 15.58 6.44 -0.23
N SER A 79 15.43 6.00 -1.48
CA SER A 79 15.41 6.84 -2.72
C SER A 79 14.43 8.01 -2.63
N ASP A 80 13.29 7.81 -1.96
CA ASP A 80 12.21 8.82 -2.02
C ASP A 80 12.58 10.02 -1.14
N SER A 81 13.65 9.96 -0.36
CA SER A 81 14.16 11.09 0.44
C SER A 81 15.52 11.57 -0.09
N THR A 82 16.28 10.72 -0.77
CA THR A 82 17.71 10.96 -1.09
C THR A 82 18.01 10.94 -2.60
N GLY A 83 17.03 10.72 -3.47
CA GLY A 83 17.23 10.52 -4.91
C GLY A 83 18.02 11.66 -5.55
N GLY A 84 17.88 12.89 -5.03
CA GLY A 84 18.49 14.11 -5.59
C GLY A 84 19.79 14.50 -4.88
N ILE A 85 20.30 13.70 -3.93
CA ILE A 85 21.43 14.21 -3.09
C ILE A 85 22.66 14.40 -3.99
N GLU A 86 22.97 13.40 -4.81
CA GLU A 86 24.17 13.44 -5.70
C GLU A 86 24.10 14.70 -6.57
N TRP A 87 22.94 14.99 -7.15
CA TRP A 87 22.77 16.17 -8.03
C TRP A 87 22.97 17.46 -7.21
N LEU A 88 22.35 17.55 -6.04
CA LEU A 88 22.46 18.73 -5.14
C LEU A 88 23.93 18.98 -4.79
N ASN A 89 24.68 17.92 -4.48
CA ASN A 89 26.13 18.05 -4.17
C ASN A 89 26.85 18.70 -5.36
N SER A 90 26.60 18.20 -6.58
CA SER A 90 27.32 18.68 -7.78
C SER A 90 27.00 20.16 -8.02
N GLN A 91 25.88 20.65 -7.48
CA GLN A 91 25.40 22.05 -7.69
C GLN A 91 25.76 22.92 -6.50
N SER A 92 26.57 22.41 -5.57
CA SER A 92 27.15 23.18 -4.44
C SER A 92 26.01 23.59 -3.47
N ILE A 93 24.92 22.81 -3.41
CA ILE A 93 23.84 23.03 -2.41
C ILE A 93 24.11 22.12 -1.23
N PRO A 94 24.34 22.65 -0.01
CA PRO A 94 24.66 21.84 1.17
C PRO A 94 23.58 20.81 1.50
N THR A 95 23.96 19.55 1.52
CA THR A 95 23.09 18.42 1.90
C THR A 95 23.34 18.00 3.34
N TYR A 96 22.27 17.70 4.07
CA TYR A 96 22.31 17.18 5.45
C TYR A 96 21.64 15.81 5.53
N ALA A 97 22.15 14.97 6.42
CA ALA A 97 21.54 13.72 6.84
C ALA A 97 22.11 13.36 8.21
N SER A 98 21.34 12.64 9.03
CA SER A 98 21.87 12.05 10.28
C SER A 98 23.09 11.19 9.94
N GLU A 99 23.99 11.01 10.91
CA GLU A 99 25.12 10.04 10.81
C GLU A 99 24.59 8.66 10.46
N LEU A 100 23.51 8.22 11.10
CA LEU A 100 22.89 6.91 10.81
C LEU A 100 22.48 6.85 9.34
N THR A 101 21.81 7.88 8.83
CA THR A 101 21.38 7.90 7.41
C THR A 101 22.63 7.77 6.53
N ASN A 102 23.64 8.60 6.76
CA ASN A 102 24.87 8.62 5.92
C ASN A 102 25.54 7.23 5.99
N GLU A 103 25.57 6.60 7.15
CA GLU A 103 26.16 5.25 7.34
C GLU A 103 25.39 4.29 6.44
N LEU A 104 24.06 4.30 6.50
CA LEU A 104 23.21 3.38 5.69
C LEU A 104 23.41 3.67 4.19
N LEU A 105 23.49 4.94 3.79
CA LEU A 105 23.75 5.30 2.36
C LEU A 105 25.08 4.68 1.92
N LYS A 106 26.13 4.79 2.74
CA LYS A 106 27.47 4.23 2.44
C LYS A 106 27.39 2.71 2.23
N LYS A 107 26.77 1.98 3.15
CA LYS A 107 26.70 0.50 3.09
C LYS A 107 25.89 0.09 1.87
N SER A 108 25.01 0.97 1.36
CA SER A 108 24.16 0.73 0.17
C SER A 108 24.89 1.14 -1.11
N GLY A 109 26.11 1.66 -1.04
CA GLY A 109 26.88 2.15 -2.21
C GLY A 109 26.30 3.41 -2.85
N LYS A 110 25.63 4.25 -2.06
CA LYS A 110 24.90 5.45 -2.56
C LYS A 110 25.65 6.70 -2.11
N VAL A 111 25.39 7.81 -2.77
CA VAL A 111 26.13 9.07 -2.47
C VAL A 111 25.63 9.61 -1.12
N GLN A 112 26.55 10.02 -0.25
CA GLN A 112 26.19 10.50 1.11
C GLN A 112 25.93 12.01 1.10
N ALA A 113 25.19 12.52 2.07
CA ALA A 113 25.05 13.97 2.32
C ALA A 113 26.39 14.52 2.81
N LYS A 114 26.64 15.80 2.58
CA LYS A 114 27.94 16.42 2.89
C LYS A 114 28.03 16.68 4.37
N TYR A 115 26.95 17.12 5.00
CA TYR A 115 26.90 17.47 6.43
C TYR A 115 26.05 16.47 7.18
N SER A 116 26.55 16.01 8.33
CA SER A 116 25.85 15.02 9.16
C SER A 116 25.81 15.55 10.59
N PHE A 117 24.97 14.93 11.41
CA PHE A 117 24.75 15.31 12.82
C PHE A 117 24.30 14.05 13.54
N SER A 118 24.58 13.98 14.84
CA SER A 118 24.33 12.80 15.70
C SER A 118 23.22 13.13 16.71
N GLU A 119 22.93 14.42 16.96
CA GLU A 119 22.00 14.85 18.05
C GLU A 119 20.57 14.39 17.74
N VAL A 120 19.85 13.95 18.77
CA VAL A 120 18.41 13.53 18.70
C VAL A 120 17.58 14.69 18.14
N SER A 121 17.79 15.90 18.63
CA SER A 121 17.12 17.15 18.22
C SER A 121 18.17 18.08 17.61
N TYR A 122 18.09 18.35 16.31
CA TYR A 122 19.04 19.22 15.58
C TYR A 122 18.31 20.41 14.94
N TRP A 123 18.66 21.62 15.35
CA TRP A 123 18.08 22.85 14.77
C TRP A 123 18.83 23.19 13.48
N LEU A 124 18.34 22.67 12.35
CA LEU A 124 18.83 23.00 10.98
C LEU A 124 18.81 24.52 10.80
N VAL A 125 17.78 25.19 11.31
CA VAL A 125 17.72 26.67 11.38
C VAL A 125 17.10 27.04 12.72
N LYS A 126 17.84 27.80 13.55
CA LYS A 126 17.42 28.15 14.92
C LYS A 126 15.99 28.66 14.89
N ASN A 127 15.13 28.08 15.71
CA ASN A 127 13.72 28.48 15.95
C ASN A 127 12.86 28.31 14.69
N LYS A 128 13.31 27.55 13.68
CA LYS A 128 12.59 27.51 12.38
C LYS A 128 12.47 26.09 11.87
N ILE A 129 13.55 25.33 11.81
CA ILE A 129 13.53 23.92 11.31
C ILE A 129 14.23 23.03 12.33
N GLU A 130 13.48 22.19 13.01
CA GLU A 130 14.03 21.17 13.92
C GLU A 130 13.91 19.80 13.26
N VAL A 131 15.01 19.06 13.25
CA VAL A 131 15.08 17.67 12.76
C VAL A 131 15.10 16.78 13.99
N PHE A 132 14.17 15.84 14.10
CA PHE A 132 13.99 15.06 15.35
C PHE A 132 14.06 13.58 15.01
N TYR A 133 14.85 12.83 15.78
CA TYR A 133 14.94 11.36 15.62
C TYR A 133 14.08 10.75 16.72
N PRO A 134 12.88 10.21 16.41
CA PRO A 134 12.07 9.57 17.44
C PRO A 134 12.52 8.15 17.79
N GLY A 135 13.41 7.55 17.01
CA GLY A 135 13.80 6.14 17.18
C GLY A 135 13.39 5.34 15.97
N PRO A 136 13.81 4.06 15.89
CA PRO A 136 13.52 3.24 14.73
C PRO A 136 12.01 3.06 14.50
N GLY A 137 11.66 2.92 13.22
CA GLY A 137 10.28 2.63 12.79
C GLY A 137 10.32 2.06 11.40
N HIS A 138 9.99 2.87 10.39
CA HIS A 138 10.01 2.51 8.95
C HIS A 138 11.43 2.11 8.57
N THR A 139 12.41 2.82 9.08
CA THR A 139 13.83 2.41 9.00
C THR A 139 14.48 2.68 10.35
N GLN A 140 15.73 2.27 10.50
CA GLN A 140 16.47 2.49 11.76
C GLN A 140 16.76 4.01 11.94
N ASP A 141 16.79 4.79 10.85
CA ASP A 141 17.34 6.16 10.83
C ASP A 141 16.27 7.22 10.62
N ASN A 142 15.01 6.83 10.48
CA ASN A 142 13.94 7.77 10.02
C ASN A 142 13.85 8.97 10.96
N LEU A 143 13.87 10.16 10.38
CA LEU A 143 13.70 11.44 11.10
C LEU A 143 12.38 12.09 10.75
N VAL A 144 11.99 13.09 11.54
CA VAL A 144 10.85 13.99 11.22
C VAL A 144 11.37 15.41 11.33
N VAL A 145 10.62 16.35 10.78
CA VAL A 145 11.04 17.76 10.74
C VAL A 145 9.89 18.60 11.27
N TRP A 146 10.19 19.51 12.18
CA TRP A 146 9.19 20.29 12.91
C TRP A 146 9.40 21.79 12.62
N LEU A 147 8.34 22.46 12.18
CA LEU A 147 8.34 23.92 11.90
C LEU A 147 7.57 24.63 13.00
N PRO A 148 8.24 25.09 14.07
CA PRO A 148 7.50 25.60 15.24
C PRO A 148 6.58 26.80 14.94
N GLU A 149 6.92 27.66 13.97
CA GLU A 149 6.15 28.89 13.66
C GLU A 149 4.76 28.49 13.15
N SER A 150 4.71 27.54 12.22
CA SER A 150 3.48 27.06 11.53
C SER A 150 2.87 25.88 12.30
N LYS A 151 3.64 25.26 13.18
CA LYS A 151 3.27 24.01 13.89
C LYS A 151 3.01 22.89 12.88
N ILE A 152 3.84 22.82 11.83
CA ILE A 152 3.74 21.70 10.85
C ILE A 152 4.81 20.66 11.17
N LEU A 153 4.40 19.40 11.23
CA LEU A 153 5.32 18.25 11.35
C LEU A 153 5.38 17.51 10.02
N PHE A 154 6.57 17.43 9.42
CA PHE A 154 6.80 16.49 8.30
C PHE A 154 7.19 15.13 8.86
N GLY A 155 6.36 14.13 8.70
CA GLY A 155 6.60 12.80 9.28
C GLY A 155 7.26 11.83 8.34
N GLY A 156 7.45 12.21 7.08
CA GLY A 156 8.12 11.37 6.07
C GLY A 156 7.45 10.03 5.95
N CYS A 157 8.24 8.98 5.71
CA CYS A 157 7.75 7.57 5.58
C CYS A 157 7.52 6.95 6.96
N PHE A 158 7.72 7.71 8.05
CA PHE A 158 7.45 7.24 9.43
C PHE A 158 5.93 7.26 9.70
N ILE A 159 5.23 8.31 9.24
CA ILE A 159 3.77 8.48 9.42
C ILE A 159 3.05 7.58 8.43
N LYS A 160 2.32 6.59 8.95
CA LYS A 160 1.67 5.53 8.16
C LYS A 160 0.30 5.26 8.78
N PRO A 161 -0.72 6.12 8.52
CA PRO A 161 -2.05 5.94 9.11
C PRO A 161 -2.89 4.79 8.53
N HIS A 162 -2.66 4.33 7.28
CA HIS A 162 -3.51 3.25 6.69
C HIS A 162 -2.75 1.94 6.43
N GLY A 163 -1.53 1.77 6.93
CA GLY A 163 -0.67 0.61 6.66
C GLY A 163 0.77 1.04 6.55
N LEU A 164 1.68 0.16 6.91
CA LEU A 164 3.10 0.51 7.16
C LEU A 164 3.90 0.53 5.85
N GLY A 165 3.41 -0.09 4.78
CA GLY A 165 4.06 -0.05 3.47
C GLY A 165 5.25 -0.99 3.41
N ASN A 166 6.37 -0.53 2.84
CA ASN A 166 7.57 -1.40 2.60
C ASN A 166 8.20 -1.72 3.95
N LEU A 167 8.34 -3.01 4.26
CA LEU A 167 8.83 -3.45 5.59
C LEU A 167 10.32 -3.84 5.52
N GLY A 168 10.93 -3.80 4.34
CA GLY A 168 12.28 -4.34 4.10
C GLY A 168 13.27 -3.96 5.19
N ASP A 169 13.26 -2.69 5.62
CA ASP A 169 14.28 -2.19 6.57
C ASP A 169 13.60 -1.71 7.86
N ALA A 170 12.32 -2.06 8.04
CA ALA A 170 11.50 -1.65 9.19
C ALA A 170 11.96 -2.38 10.45
N ASN A 171 11.84 -1.69 11.59
CA ASN A 171 12.03 -2.24 12.95
C ASN A 171 10.67 -2.25 13.63
N LEU A 172 9.94 -3.35 13.46
CA LEU A 172 8.55 -3.51 13.95
C LEU A 172 8.51 -3.43 15.47
N GLU A 173 9.53 -3.91 16.18
CA GLU A 173 9.54 -3.95 17.67
C GLU A 173 9.66 -2.52 18.24
N ALA A 174 10.37 -1.63 17.54
CA ALA A 174 10.65 -0.27 18.04
C ALA A 174 9.57 0.72 17.58
N TRP A 175 8.92 0.47 16.44
CA TRP A 175 8.06 1.49 15.78
C TRP A 175 7.04 2.04 16.76
N PRO A 176 6.27 1.18 17.46
CA PRO A 176 5.27 1.67 18.40
C PRO A 176 5.86 2.59 19.49
N LYS A 177 7.01 2.23 20.05
CA LYS A 177 7.71 3.08 21.05
C LYS A 177 8.08 4.44 20.42
N SER A 178 8.63 4.41 19.21
CA SER A 178 9.04 5.64 18.48
C SER A 178 7.80 6.48 18.16
N ALA A 179 6.71 5.85 17.73
CA ALA A 179 5.44 6.53 17.40
C ALA A 179 4.91 7.25 18.65
N LYS A 180 4.94 6.58 19.80
CA LYS A 180 4.46 7.19 21.07
C LYS A 180 5.38 8.33 21.50
N ILE A 181 6.69 8.20 21.28
CA ILE A 181 7.66 9.32 21.52
C ILE A 181 7.29 10.51 20.65
N LEU A 182 6.98 10.29 19.38
CA LEU A 182 6.58 11.40 18.49
C LEU A 182 5.33 12.07 19.06
N MET A 183 4.31 11.26 19.41
CA MET A 183 3.04 11.79 19.96
C MET A 183 3.32 12.67 21.17
N SER A 184 4.21 12.22 22.07
CA SER A 184 4.62 12.96 23.30
C SER A 184 5.21 14.33 22.91
N LYS A 185 6.12 14.39 21.95
CA LYS A 185 6.88 15.64 21.68
C LYS A 185 6.02 16.63 20.88
N TYR A 186 5.19 16.18 19.94
CA TYR A 186 4.51 17.06 18.97
C TYR A 186 2.98 16.99 19.03
N GLY A 187 2.44 16.82 20.25
CA GLY A 187 1.00 16.93 20.52
C GLY A 187 0.42 18.23 20.00
N LYS A 188 1.20 19.31 20.01
CA LYS A 188 0.73 20.67 19.62
C LYS A 188 0.68 20.83 18.09
N ALA A 189 0.98 19.79 17.31
CA ALA A 189 1.02 19.84 15.82
C ALA A 189 -0.35 20.23 15.27
N LYS A 190 -0.36 21.16 14.30
CA LYS A 190 -1.59 21.65 13.62
C LYS A 190 -1.81 20.82 12.36
N LEU A 191 -0.73 20.47 11.70
CA LEU A 191 -0.76 19.69 10.44
C LEU A 191 0.38 18.67 10.43
N VAL A 192 0.10 17.47 9.94
CA VAL A 192 1.09 16.38 9.81
C VAL A 192 1.17 16.02 8.34
N VAL A 193 2.32 16.29 7.74
CA VAL A 193 2.58 15.97 6.33
C VAL A 193 3.38 14.69 6.31
N SER A 194 2.90 13.67 5.63
CA SER A 194 3.62 12.38 5.46
C SER A 194 4.06 12.24 4.00
N SER A 195 4.80 11.18 3.73
CA SER A 195 5.43 10.86 2.42
C SER A 195 4.36 10.47 1.42
N HIS A 196 3.40 9.66 1.85
CA HIS A 196 2.53 8.92 0.92
C HIS A 196 1.05 9.01 1.28
N SER A 197 0.66 9.90 2.19
CA SER A 197 -0.76 10.12 2.47
C SER A 197 -1.06 11.62 2.56
N GLU A 198 -2.33 11.95 2.52
CA GLU A 198 -2.85 13.34 2.49
C GLU A 198 -2.50 14.01 3.83
N LYS A 199 -2.22 15.29 3.79
CA LYS A 199 -1.93 16.07 5.02
C LYS A 199 -3.13 15.93 5.97
N GLY A 200 -2.87 15.65 7.25
CA GLY A 200 -3.88 15.49 8.30
C GLY A 200 -3.56 16.32 9.52
N ASP A 201 -4.32 16.13 10.62
CA ASP A 201 -4.06 16.80 11.90
C ASP A 201 -3.25 15.83 12.77
N ALA A 202 -2.95 16.23 14.01
CA ALA A 202 -2.12 15.50 14.99
C ALA A 202 -2.61 14.06 15.15
N SER A 203 -3.88 13.77 14.82
CA SER A 203 -4.47 12.42 14.94
C SER A 203 -3.64 11.42 14.13
N LEU A 204 -2.92 11.88 13.09
CA LEU A 204 -2.20 10.92 12.21
C LEU A 204 -1.06 10.26 12.99
N MET A 205 -0.55 10.92 14.04
CA MET A 205 0.50 10.29 14.90
C MET A 205 -0.10 9.09 15.64
N LYS A 206 -1.30 9.24 16.16
CA LYS A 206 -2.01 8.15 16.88
C LYS A 206 -2.33 7.04 15.88
N ARG A 207 -2.76 7.37 14.66
CA ARG A 207 -3.11 6.31 13.68
C ARG A 207 -1.86 5.49 13.33
N THR A 208 -0.70 6.14 13.27
CA THR A 208 0.59 5.45 13.01
C THR A 208 0.90 4.50 14.17
N TRP A 209 0.79 4.99 15.39
CA TRP A 209 0.97 4.13 16.58
C TRP A 209 0.08 2.88 16.47
N GLU A 210 -1.21 3.05 16.15
CA GLU A 210 -2.16 1.91 16.02
C GLU A 210 -1.68 0.95 14.94
N GLN A 211 -1.21 1.45 13.81
CA GLN A 211 -0.79 0.58 12.68
C GLN A 211 0.52 -0.12 13.04
N ALA A 212 1.40 0.56 13.79
CA ALA A 212 2.69 -0.02 14.22
C ALA A 212 2.41 -1.18 15.18
N LEU A 213 1.58 -0.91 16.19
CA LEU A 213 1.17 -1.97 17.16
C LEU A 213 0.60 -3.17 16.39
N LYS A 214 -0.31 -2.93 15.45
CA LYS A 214 -0.94 -4.00 14.64
C LYS A 214 0.13 -4.77 13.88
N GLY A 215 1.08 -4.07 13.28
CA GLY A 215 2.15 -4.71 12.50
C GLY A 215 3.02 -5.59 13.40
N LEU A 216 3.31 -5.09 14.60
CA LEU A 216 4.19 -5.80 15.57
C LEU A 216 3.53 -7.10 15.98
N LYS A 217 2.21 -7.05 16.24
CA LYS A 217 1.41 -8.22 16.63
C LYS A 217 1.49 -9.29 15.55
N GLU A 218 1.33 -8.94 14.28
CA GLU A 218 1.36 -9.93 13.15
C GLU A 218 2.74 -10.57 13.12
N SER A 219 3.75 -9.84 13.59
CA SER A 219 5.14 -10.32 13.59
C SER A 219 5.23 -11.60 14.42
N LYS A 220 4.58 -11.64 15.58
CA LYS A 220 4.61 -12.80 16.51
C LYS A 220 3.46 -13.76 16.19
N LEU B 3 -22.09 -12.67 -25.02
CA LEU B 3 -21.49 -12.94 -23.65
C LEU B 3 -22.26 -14.09 -23.02
N PRO B 4 -21.60 -15.15 -22.49
CA PRO B 4 -22.31 -16.20 -21.74
C PRO B 4 -22.95 -15.66 -20.45
N ASP B 5 -24.04 -16.29 -20.02
CA ASP B 5 -24.88 -15.80 -18.90
C ASP B 5 -24.10 -16.05 -17.61
N LEU B 6 -24.27 -15.17 -16.62
CA LEU B 6 -23.80 -15.45 -15.24
C LEU B 6 -24.34 -16.83 -14.82
N LYS B 7 -23.49 -17.63 -14.19
CA LYS B 7 -23.85 -18.99 -13.74
C LYS B 7 -23.60 -19.06 -12.24
N ILE B 8 -24.47 -19.75 -11.51
CA ILE B 8 -24.30 -20.03 -10.06
C ILE B 8 -24.41 -21.53 -9.87
N GLU B 9 -23.47 -22.15 -9.18
CA GLU B 9 -23.43 -23.61 -8.98
C GLU B 9 -23.08 -23.86 -7.52
N LYS B 10 -23.84 -24.77 -6.90
CA LYS B 10 -23.59 -25.18 -5.51
C LYS B 10 -22.38 -26.12 -5.52
N LEU B 11 -21.35 -25.73 -4.78
CA LEU B 11 -20.08 -26.48 -4.65
C LEU B 11 -20.24 -27.48 -3.52
N GLU B 12 -20.94 -27.06 -2.46
CA GLU B 12 -21.05 -27.79 -1.18
C GLU B 12 -22.10 -27.11 -0.31
N GLU B 13 -22.52 -27.75 0.77
CA GLU B 13 -23.49 -27.16 1.73
C GLU B 13 -23.02 -25.78 2.15
N GLY B 14 -23.78 -24.74 1.79
CA GLY B 14 -23.53 -23.35 2.24
C GLY B 14 -22.48 -22.64 1.41
N VAL B 15 -21.99 -23.25 0.33
CA VAL B 15 -20.91 -22.63 -0.50
C VAL B 15 -21.29 -22.76 -1.97
N PHE B 16 -21.38 -21.63 -2.67
CA PHE B 16 -21.70 -21.53 -4.10
C PHE B 16 -20.54 -20.88 -4.85
N VAL B 17 -20.34 -21.27 -6.09
CA VAL B 17 -19.40 -20.60 -7.02
C VAL B 17 -20.25 -19.86 -8.05
N HIS B 18 -19.92 -18.61 -8.29
CA HIS B 18 -20.55 -17.78 -9.35
C HIS B 18 -19.54 -17.55 -10.47
N THR B 19 -19.95 -17.75 -11.70
CA THR B 19 -19.11 -17.59 -12.89
C THR B 19 -19.69 -16.45 -13.72
N SER B 20 -18.84 -15.51 -14.11
CA SER B 20 -19.23 -14.35 -14.94
C SER B 20 -18.18 -14.22 -16.05
N PHE B 21 -18.53 -13.50 -17.10
CA PHE B 21 -17.74 -13.45 -18.36
C PHE B 21 -17.68 -12.00 -18.82
N GLU B 22 -16.56 -11.64 -19.44
CA GLU B 22 -16.36 -10.32 -20.07
C GLU B 22 -15.28 -10.41 -21.14
N GLU B 23 -15.42 -9.62 -22.20
CA GLU B 23 -14.42 -9.51 -23.28
C GLU B 23 -13.31 -8.56 -22.82
N VAL B 24 -12.08 -9.05 -22.72
CA VAL B 24 -10.88 -8.24 -22.39
C VAL B 24 -9.91 -8.32 -23.56
N ASN B 25 -9.39 -7.18 -24.02
CA ASN B 25 -8.46 -7.15 -25.18
C ASN B 25 -7.26 -8.03 -24.87
N GLY B 26 -6.87 -8.89 -25.83
CA GLY B 26 -5.69 -9.76 -25.70
C GLY B 26 -6.02 -11.11 -25.11
N TRP B 27 -7.03 -11.22 -24.24
CA TRP B 27 -7.42 -12.50 -23.58
C TRP B 27 -8.70 -13.07 -24.21
N GLY B 28 -9.47 -12.22 -24.90
CA GLY B 28 -10.79 -12.60 -25.42
C GLY B 28 -11.83 -12.64 -24.32
N VAL B 29 -12.79 -13.56 -24.37
CA VAL B 29 -13.82 -13.67 -23.31
C VAL B 29 -13.17 -14.38 -22.12
N VAL B 30 -13.04 -13.67 -21.01
CA VAL B 30 -12.42 -14.18 -19.76
C VAL B 30 -13.52 -14.70 -18.85
N THR B 31 -13.29 -15.91 -18.31
CA THR B 31 -14.15 -16.58 -17.32
C THR B 31 -13.60 -16.25 -15.93
N LYS B 32 -14.44 -15.72 -15.05
CA LYS B 32 -14.08 -15.29 -13.69
C LYS B 32 -14.98 -16.03 -12.69
N HIS B 33 -14.39 -16.83 -11.82
CA HIS B 33 -15.11 -17.54 -10.73
C HIS B 33 -14.95 -16.76 -9.42
N GLY B 34 -16.05 -16.62 -8.70
CA GLY B 34 -16.09 -16.06 -7.34
C GLY B 34 -16.91 -16.94 -6.44
N LEU B 35 -17.04 -16.64 -5.16
CA LEU B 35 -17.84 -17.51 -4.26
C LEU B 35 -18.97 -16.73 -3.61
N VAL B 36 -19.93 -17.48 -3.11
CA VAL B 36 -20.98 -16.98 -2.18
C VAL B 36 -21.01 -17.98 -1.04
N VAL B 37 -20.87 -17.47 0.16
CA VAL B 37 -20.83 -18.30 1.40
C VAL B 37 -22.08 -17.95 2.20
N LEU B 38 -22.76 -18.96 2.70
CA LEU B 38 -23.99 -18.79 3.51
C LEU B 38 -23.66 -19.04 4.97
N VAL B 39 -24.07 -18.11 5.83
CA VAL B 39 -23.94 -18.24 7.31
C VAL B 39 -25.35 -18.04 7.86
N ASN B 40 -26.05 -19.13 8.15
CA ASN B 40 -27.50 -19.09 8.50
C ASN B 40 -28.24 -18.32 7.39
N THR B 41 -28.90 -17.21 7.73
CA THR B 41 -29.71 -16.37 6.81
C THR B 41 -28.80 -15.45 5.98
N ASP B 42 -27.53 -15.30 6.33
CA ASP B 42 -26.62 -14.28 5.75
C ASP B 42 -25.80 -14.88 4.61
N ALA B 43 -25.66 -14.13 3.51
CA ALA B 43 -24.79 -14.50 2.36
C ALA B 43 -23.62 -13.52 2.29
N TYR B 44 -22.45 -14.03 1.92
CA TYR B 44 -21.22 -13.22 1.72
C TYR B 44 -20.69 -13.48 0.31
N LEU B 45 -20.46 -12.40 -0.44
CA LEU B 45 -19.86 -12.48 -1.80
C LEU B 45 -18.35 -12.45 -1.67
N ILE B 46 -17.70 -13.47 -2.24
CA ILE B 46 -16.23 -13.50 -2.40
C ILE B 46 -15.95 -13.09 -3.84
N ASP B 47 -15.54 -11.84 -4.02
CA ASP B 47 -15.33 -11.20 -5.34
C ASP B 47 -16.69 -10.97 -6.01
N THR B 48 -16.79 -9.88 -6.76
CA THR B 48 -17.99 -9.52 -7.52
C THR B 48 -17.78 -9.92 -8.97
N PRO B 49 -18.85 -10.24 -9.71
CA PRO B 49 -18.75 -10.35 -11.15
C PRO B 49 -18.16 -9.07 -11.77
N PHE B 50 -17.80 -9.14 -13.04
CA PHE B 50 -17.19 -7.99 -13.76
C PHE B 50 -18.08 -6.76 -13.67
N THR B 51 -19.41 -6.93 -13.76
CA THR B 51 -20.33 -5.78 -13.99
C THR B 51 -21.31 -5.61 -12.84
N ALA B 52 -21.83 -4.39 -12.71
CA ALA B 52 -22.95 -4.05 -11.81
C ALA B 52 -24.16 -4.94 -12.16
N THR B 53 -24.43 -5.17 -13.45
CA THR B 53 -25.62 -5.94 -13.90
C THR B 53 -25.49 -7.39 -13.42
N ASP B 54 -24.36 -8.05 -13.65
CA ASP B 54 -24.12 -9.44 -13.18
C ASP B 54 -24.18 -9.48 -11.66
N THR B 55 -23.65 -8.45 -10.98
CA THR B 55 -23.65 -8.37 -9.49
C THR B 55 -25.10 -8.32 -9.01
N GLU B 56 -25.91 -7.45 -9.62
CA GLU B 56 -27.36 -7.32 -9.28
C GLU B 56 -28.03 -8.69 -9.48
N LYS B 57 -27.77 -9.35 -10.60
CA LYS B 57 -28.34 -10.70 -10.89
C LYS B 57 -27.96 -11.64 -9.76
N LEU B 58 -26.68 -11.63 -9.36
CA LEU B 58 -26.15 -12.51 -8.29
C LEU B 58 -26.87 -12.20 -6.99
N VAL B 59 -27.00 -10.91 -6.64
CA VAL B 59 -27.61 -10.54 -5.34
C VAL B 59 -29.07 -11.00 -5.31
N ASN B 60 -29.81 -10.77 -6.40
CA ASN B 60 -31.25 -11.11 -6.47
C ASN B 60 -31.44 -12.63 -6.39
N TRP B 61 -30.53 -13.42 -6.96
CA TRP B 61 -30.61 -14.90 -6.91
C TRP B 61 -30.71 -15.35 -5.45
N PHE B 62 -29.89 -14.79 -4.56
CA PHE B 62 -29.82 -15.21 -3.13
C PHE B 62 -30.88 -14.46 -2.32
N VAL B 63 -31.15 -13.19 -2.64
CA VAL B 63 -32.27 -12.45 -1.99
C VAL B 63 -33.58 -13.22 -2.24
N GLU B 64 -33.76 -13.76 -3.45
CA GLU B 64 -34.98 -14.51 -3.88
C GLU B 64 -35.11 -15.82 -3.07
N ARG B 65 -34.03 -16.37 -2.52
CA ARG B 65 -34.07 -17.62 -1.71
C ARG B 65 -34.07 -17.30 -0.21
N GLY B 66 -34.39 -16.06 0.19
CA GLY B 66 -34.53 -15.66 1.60
C GLY B 66 -33.20 -15.45 2.29
N TYR B 67 -32.10 -15.31 1.55
CA TYR B 67 -30.79 -14.94 2.09
C TYR B 67 -30.66 -13.41 2.04
N GLU B 68 -29.89 -12.83 2.94
CA GLU B 68 -29.58 -11.39 2.87
C GLU B 68 -28.05 -11.25 2.73
N ILE B 69 -27.61 -10.33 1.89
CA ILE B 69 -26.17 -10.08 1.63
C ILE B 69 -25.61 -9.24 2.78
N LYS B 70 -24.83 -9.85 3.68
CA LYS B 70 -24.31 -9.12 4.87
C LYS B 70 -22.92 -8.55 4.57
N GLY B 71 -22.35 -8.83 3.40
CA GLY B 71 -20.98 -8.40 3.07
C GLY B 71 -20.43 -8.96 1.77
N THR B 72 -19.45 -8.25 1.24
CA THR B 72 -18.67 -8.67 0.04
C THR B 72 -17.20 -8.37 0.30
N ILE B 73 -16.33 -9.26 -0.18
CA ILE B 73 -14.86 -9.08 -0.02
C ILE B 73 -14.27 -9.11 -1.42
N SER B 74 -13.45 -8.11 -1.75
CA SER B 74 -12.67 -8.09 -3.01
C SER B 74 -11.25 -8.62 -2.77
N SER B 75 -10.84 -9.65 -3.51
CA SER B 75 -9.55 -10.35 -3.29
C SER B 75 -8.38 -9.52 -3.88
N HIS B 76 -8.64 -8.58 -4.78
CA HIS B 76 -7.65 -7.54 -5.18
C HIS B 76 -8.35 -6.42 -5.95
N PHE B 77 -7.60 -5.45 -6.48
CA PHE B 77 -8.20 -4.16 -6.92
C PHE B 77 -8.67 -4.20 -8.37
N HIS B 78 -8.33 -5.24 -9.14
CA HIS B 78 -8.69 -5.33 -10.58
C HIS B 78 -10.20 -5.52 -10.75
N SER B 79 -10.72 -5.15 -11.93
CA SER B 79 -12.18 -5.10 -12.23
C SER B 79 -12.85 -6.47 -12.04
N ASP B 80 -12.11 -7.57 -12.26
CA ASP B 80 -12.75 -8.92 -12.19
C ASP B 80 -13.05 -9.31 -10.73
N SER B 81 -12.61 -8.55 -9.74
CA SER B 81 -12.94 -8.77 -8.31
C SER B 81 -13.76 -7.62 -7.73
N THR B 82 -13.73 -6.43 -8.34
CA THR B 82 -14.31 -5.18 -7.77
C THR B 82 -15.36 -4.52 -8.68
N GLY B 83 -15.66 -5.09 -9.85
CA GLY B 83 -16.58 -4.51 -10.84
C GLY B 83 -17.94 -4.13 -10.26
N GLY B 84 -18.40 -4.83 -9.21
CA GLY B 84 -19.72 -4.64 -8.60
C GLY B 84 -19.71 -3.74 -7.39
N ILE B 85 -18.54 -3.24 -6.98
CA ILE B 85 -18.44 -2.53 -5.67
C ILE B 85 -19.32 -1.28 -5.73
N GLU B 86 -19.23 -0.50 -6.80
CA GLU B 86 -19.98 0.78 -6.92
C GLU B 86 -21.47 0.50 -6.74
N TRP B 87 -21.99 -0.55 -7.39
CA TRP B 87 -23.43 -0.89 -7.32
C TRP B 87 -23.76 -1.36 -5.90
N LEU B 88 -22.96 -2.26 -5.33
CA LEU B 88 -23.18 -2.77 -3.95
C LEU B 88 -23.21 -1.60 -2.95
N ASN B 89 -22.31 -0.63 -3.07
CA ASN B 89 -22.33 0.56 -2.19
C ASN B 89 -23.66 1.30 -2.33
N SER B 90 -24.15 1.51 -3.55
CA SER B 90 -25.41 2.27 -3.79
C SER B 90 -26.60 1.53 -3.17
N GLN B 91 -26.48 0.22 -2.94
CA GLN B 91 -27.56 -0.63 -2.37
C GLN B 91 -27.39 -0.76 -0.85
N SER B 92 -26.35 -0.13 -0.28
CA SER B 92 -26.04 -0.11 1.16
C SER B 92 -25.64 -1.51 1.61
N ILE B 93 -25.06 -2.32 0.72
CA ILE B 93 -24.51 -3.67 1.06
C ILE B 93 -23.03 -3.51 1.35
N PRO B 94 -22.57 -3.74 2.61
CA PRO B 94 -21.20 -3.43 3.02
C PRO B 94 -20.17 -4.15 2.17
N THR B 95 -19.28 -3.38 1.56
CA THR B 95 -18.13 -3.88 0.78
C THR B 95 -16.88 -3.79 1.65
N TYR B 96 -16.04 -4.82 1.59
CA TYR B 96 -14.74 -4.88 2.30
C TYR B 96 -13.61 -5.05 1.30
N ALA B 97 -12.48 -4.46 1.63
CA ALA B 97 -11.20 -4.61 0.90
C ALA B 97 -10.09 -4.16 1.85
N SER B 98 -8.91 -4.76 1.72
CA SER B 98 -7.70 -4.32 2.43
C SER B 98 -7.48 -2.82 2.20
N GLU B 99 -6.76 -2.18 3.11
CA GLU B 99 -6.32 -0.76 2.96
C GLU B 99 -5.47 -0.63 1.69
N LEU B 100 -4.59 -1.59 1.42
CA LEU B 100 -3.77 -1.52 0.19
C LEU B 100 -4.69 -1.63 -1.04
N THR B 101 -5.66 -2.55 -1.07
CA THR B 101 -6.60 -2.64 -2.21
C THR B 101 -7.28 -1.29 -2.42
N ASN B 102 -7.82 -0.70 -1.37
CA ASN B 102 -8.52 0.61 -1.48
C ASN B 102 -7.54 1.67 -2.00
N GLU B 103 -6.30 1.67 -1.51
CA GLU B 103 -5.22 2.59 -1.97
C GLU B 103 -5.06 2.46 -3.49
N LEU B 104 -4.91 1.24 -3.99
CA LEU B 104 -4.71 0.97 -5.42
C LEU B 104 -5.95 1.37 -6.22
N LEU B 105 -7.16 1.08 -5.73
CA LEU B 105 -8.42 1.54 -6.37
C LEU B 105 -8.42 3.07 -6.46
N LYS B 106 -8.03 3.77 -5.41
CA LYS B 106 -8.00 5.25 -5.37
C LYS B 106 -7.02 5.79 -6.43
N LYS B 107 -5.80 5.24 -6.53
CA LYS B 107 -4.79 5.76 -7.49
C LYS B 107 -5.28 5.54 -8.93
N SER B 108 -6.16 4.55 -9.13
CA SER B 108 -6.77 4.21 -10.43
C SER B 108 -8.02 5.05 -10.72
N GLY B 109 -8.47 5.90 -9.79
CA GLY B 109 -9.71 6.71 -9.92
C GLY B 109 -10.98 5.87 -9.85
N LYS B 110 -10.96 4.76 -9.14
CA LYS B 110 -12.07 3.77 -9.05
C LYS B 110 -12.76 3.90 -7.69
N VAL B 111 -13.99 3.41 -7.59
CA VAL B 111 -14.74 3.49 -6.31
C VAL B 111 -14.11 2.49 -5.35
N GLN B 112 -13.87 2.93 -4.12
CA GLN B 112 -13.27 2.10 -3.05
C GLN B 112 -14.36 1.28 -2.36
N ALA B 113 -13.98 0.14 -1.76
CA ALA B 113 -14.85 -0.58 -0.80
C ALA B 113 -15.11 0.32 0.42
N LYS B 114 -16.28 0.20 1.03
CA LYS B 114 -16.70 1.08 2.14
C LYS B 114 -15.86 0.78 3.38
N TYR B 115 -15.58 -0.50 3.64
CA TYR B 115 -14.94 -0.98 4.88
C TYR B 115 -13.59 -1.56 4.51
N SER B 116 -12.60 -1.24 5.32
CA SER B 116 -11.18 -1.48 5.04
C SER B 116 -10.59 -2.18 6.26
N PHE B 117 -9.48 -2.87 6.08
CA PHE B 117 -8.78 -3.54 7.20
C PHE B 117 -7.30 -3.60 6.82
N SER B 118 -6.44 -3.56 7.84
CA SER B 118 -4.96 -3.48 7.70
C SER B 118 -4.31 -4.84 8.03
N GLU B 119 -5.05 -5.76 8.63
CA GLU B 119 -4.50 -7.01 9.22
C GLU B 119 -4.16 -7.96 8.08
N VAL B 120 -3.00 -8.63 8.17
CA VAL B 120 -2.58 -9.74 7.26
C VAL B 120 -3.67 -10.82 7.28
N SER B 121 -4.21 -11.15 8.46
CA SER B 121 -5.31 -12.13 8.64
C SER B 121 -6.47 -11.44 9.34
N TYR B 122 -7.63 -11.39 8.69
CA TYR B 122 -8.84 -10.71 9.19
C TYR B 122 -10.01 -11.70 9.13
N TRP B 123 -10.73 -11.87 10.24
CA TRP B 123 -11.98 -12.67 10.27
C TRP B 123 -13.14 -11.80 9.81
N LEU B 124 -13.49 -11.90 8.52
CA LEU B 124 -14.73 -11.27 7.96
C LEU B 124 -15.93 -11.80 8.75
N VAL B 125 -15.94 -13.09 9.07
CA VAL B 125 -16.98 -13.73 9.92
C VAL B 125 -16.27 -14.72 10.86
N LYS B 126 -16.36 -14.48 12.17
CA LYS B 126 -15.58 -15.19 13.20
C LYS B 126 -15.68 -16.70 12.98
N ASN B 127 -14.53 -17.36 12.85
CA ASN B 127 -14.39 -18.84 12.73
C ASN B 127 -15.05 -19.39 11.46
N LYS B 128 -15.38 -18.56 10.45
CA LYS B 128 -16.14 -19.00 9.26
C LYS B 128 -15.56 -18.47 7.94
N ILE B 129 -15.22 -17.19 7.86
CA ILE B 129 -14.57 -16.60 6.66
C ILE B 129 -13.32 -15.82 7.10
N GLU B 130 -12.14 -16.34 6.74
CA GLU B 130 -10.86 -15.67 7.04
C GLU B 130 -10.26 -15.12 5.75
N VAL B 131 -9.83 -13.86 5.82
CA VAL B 131 -9.10 -13.17 4.72
C VAL B 131 -7.62 -13.18 5.07
N PHE B 132 -6.81 -13.68 4.16
CA PHE B 132 -5.36 -13.86 4.40
C PHE B 132 -4.56 -13.15 3.30
N TYR B 133 -3.55 -12.37 3.71
CA TYR B 133 -2.62 -11.71 2.78
C TYR B 133 -1.36 -12.56 2.73
N PRO B 134 -1.09 -13.32 1.66
CA PRO B 134 0.13 -14.11 1.59
C PRO B 134 1.37 -13.28 1.20
N GLY B 135 1.19 -12.01 0.80
CA GLY B 135 2.26 -11.20 0.21
C GLY B 135 2.01 -10.98 -1.28
N PRO B 136 2.81 -10.12 -1.92
CA PRO B 136 2.59 -9.79 -3.32
C PRO B 136 2.72 -11.01 -4.24
N GLY B 137 2.04 -10.95 -5.37
CA GLY B 137 2.10 -11.99 -6.41
C GLY B 137 1.56 -11.47 -7.72
N HIS B 138 0.31 -11.84 -8.05
CA HIS B 138 -0.42 -11.33 -9.25
C HIS B 138 -0.56 -9.82 -9.14
N THR B 139 -0.82 -9.32 -7.93
CA THR B 139 -0.72 -7.87 -7.61
C THR B 139 -0.12 -7.70 -6.23
N GLN B 140 0.14 -6.47 -5.83
CA GLN B 140 0.73 -6.16 -4.52
C GLN B 140 -0.26 -6.44 -3.41
N ASP B 141 -1.57 -6.43 -3.69
CA ASP B 141 -2.62 -6.46 -2.64
C ASP B 141 -3.40 -7.78 -2.65
N ASN B 142 -3.05 -8.74 -3.48
CA ASN B 142 -3.88 -9.94 -3.71
C ASN B 142 -4.09 -10.69 -2.39
N LEU B 143 -5.34 -11.00 -2.11
CA LEU B 143 -5.73 -11.75 -0.89
C LEU B 143 -6.26 -13.11 -1.30
N VAL B 144 -6.37 -14.00 -0.32
CA VAL B 144 -7.12 -15.25 -0.43
C VAL B 144 -8.12 -15.30 0.71
N VAL B 145 -9.12 -16.15 0.56
CA VAL B 145 -10.22 -16.29 1.55
C VAL B 145 -10.31 -17.77 1.91
N TRP B 146 -10.34 -18.05 3.21
CA TRP B 146 -10.29 -19.42 3.74
C TRP B 146 -11.59 -19.71 4.48
N LEU B 147 -12.25 -20.81 4.12
CA LEU B 147 -13.46 -21.28 4.82
C LEU B 147 -13.08 -22.50 5.64
N PRO B 148 -12.77 -22.35 6.94
CA PRO B 148 -12.20 -23.45 7.70
C PRO B 148 -13.16 -24.65 7.84
N GLU B 149 -14.46 -24.40 7.88
CA GLU B 149 -15.49 -25.45 8.10
C GLU B 149 -15.49 -26.42 6.90
N SER B 150 -15.46 -25.87 5.69
CA SER B 150 -15.49 -26.62 4.40
C SER B 150 -14.06 -26.98 3.94
N LYS B 151 -13.06 -26.33 4.52
CA LYS B 151 -11.62 -26.42 4.12
C LYS B 151 -11.46 -25.97 2.66
N ILE B 152 -12.21 -24.95 2.22
CA ILE B 152 -12.06 -24.41 0.85
C ILE B 152 -11.24 -23.11 0.92
N LEU B 153 -10.24 -23.02 0.06
CA LEU B 153 -9.45 -21.79 -0.13
C LEU B 153 -9.80 -21.16 -1.48
N PHE B 154 -10.31 -19.93 -1.46
CA PHE B 154 -10.50 -19.16 -2.70
C PHE B 154 -9.21 -18.38 -2.94
N GLY B 155 -8.48 -18.73 -3.99
CA GLY B 155 -7.14 -18.14 -4.26
C GLY B 155 -7.21 -16.93 -5.18
N GLY B 156 -8.37 -16.68 -5.78
CA GLY B 156 -8.54 -15.60 -6.76
C GLY B 156 -7.54 -15.69 -7.90
N CYS B 157 -6.99 -14.53 -8.29
CA CYS B 157 -6.03 -14.40 -9.39
C CYS B 157 -4.62 -14.68 -8.87
N PHE B 158 -4.42 -15.00 -7.59
CA PHE B 158 -3.11 -15.46 -7.05
C PHE B 158 -2.80 -16.90 -7.47
N ILE B 159 -3.80 -17.78 -7.50
CA ILE B 159 -3.67 -19.22 -7.90
C ILE B 159 -3.65 -19.28 -9.42
N LYS B 160 -2.49 -19.58 -10.01
CA LYS B 160 -2.28 -19.60 -11.48
C LYS B 160 -1.48 -20.85 -11.83
N PRO B 161 -2.11 -22.04 -11.92
CA PRO B 161 -1.38 -23.29 -12.11
C PRO B 161 -0.85 -23.57 -13.54
N HIS B 162 -1.43 -22.98 -14.59
CA HIS B 162 -0.96 -23.17 -16.00
C HIS B 162 -0.62 -21.84 -16.65
N GLY B 163 -0.02 -20.89 -15.94
CA GLY B 163 0.41 -19.59 -16.52
C GLY B 163 -0.13 -18.39 -15.75
N LEU B 164 0.65 -17.32 -15.68
CA LEU B 164 0.46 -16.27 -14.65
C LEU B 164 -0.56 -15.22 -15.12
N GLY B 165 -0.82 -15.12 -16.42
CA GLY B 165 -1.86 -14.21 -16.94
C GLY B 165 -1.36 -12.79 -17.02
N ASN B 166 -2.18 -11.80 -16.65
CA ASN B 166 -1.84 -10.36 -16.80
C ASN B 166 -0.73 -9.99 -15.81
N LEU B 167 0.40 -9.50 -16.32
CA LEU B 167 1.59 -9.20 -15.48
C LEU B 167 1.70 -7.69 -15.20
N GLY B 168 0.79 -6.89 -15.72
CA GLY B 168 0.83 -5.40 -15.64
C GLY B 168 1.18 -4.91 -14.26
N ASP B 169 0.59 -5.49 -13.22
CA ASP B 169 0.74 -4.99 -11.83
C ASP B 169 1.32 -6.10 -10.96
N ALA B 170 1.89 -7.14 -11.58
CA ALA B 170 2.48 -8.30 -10.86
C ALA B 170 3.77 -7.89 -10.16
N ASN B 171 4.05 -8.51 -9.03
CA ASN B 171 5.37 -8.44 -8.34
C ASN B 171 6.05 -9.81 -8.47
N LEU B 172 6.76 -10.03 -9.58
CA LEU B 172 7.26 -11.36 -9.96
C LEU B 172 8.32 -11.85 -8.98
N GLU B 173 9.13 -10.95 -8.41
CA GLU B 173 10.24 -11.35 -7.50
C GLU B 173 9.63 -11.80 -6.16
N ALA B 174 8.48 -11.27 -5.76
CA ALA B 174 7.83 -11.67 -4.49
C ALA B 174 6.93 -12.91 -4.65
N TRP B 175 6.35 -13.12 -5.84
CA TRP B 175 5.31 -14.15 -6.07
C TRP B 175 5.75 -15.50 -5.53
N PRO B 176 6.93 -16.03 -5.91
CA PRO B 176 7.32 -17.36 -5.44
C PRO B 176 7.39 -17.44 -3.91
N LYS B 177 7.89 -16.41 -3.22
CA LYS B 177 7.89 -16.39 -1.72
C LYS B 177 6.46 -16.43 -1.18
N SER B 178 5.54 -15.68 -1.78
CA SER B 178 4.14 -15.59 -1.33
C SER B 178 3.47 -16.95 -1.52
N ALA B 179 3.72 -17.63 -2.65
CA ALA B 179 3.10 -18.95 -2.95
C ALA B 179 3.55 -19.94 -1.87
N LYS B 180 4.83 -19.95 -1.53
CA LYS B 180 5.38 -20.89 -0.52
C LYS B 180 4.79 -20.56 0.85
N ILE B 181 4.62 -19.28 1.17
CA ILE B 181 3.96 -18.85 2.43
C ILE B 181 2.53 -19.40 2.48
N LEU B 182 1.78 -19.27 1.38
CA LEU B 182 0.41 -19.79 1.31
C LEU B 182 0.43 -21.30 1.56
N MET B 183 1.31 -22.03 0.86
CA MET B 183 1.43 -23.51 0.99
C MET B 183 1.60 -23.89 2.47
N SER B 184 2.45 -23.16 3.20
CA SER B 184 2.68 -23.37 4.67
C SER B 184 1.36 -23.23 5.43
N LYS B 185 0.60 -22.17 5.16
CA LYS B 185 -0.61 -21.85 5.97
C LYS B 185 -1.78 -22.75 5.57
N TYR B 186 -1.98 -23.04 4.28
CA TYR B 186 -3.23 -23.71 3.85
C TYR B 186 -2.99 -25.06 3.17
N GLY B 187 -1.92 -25.77 3.54
CA GLY B 187 -1.72 -27.19 3.14
C GLY B 187 -2.93 -28.04 3.51
N LYS B 188 -3.59 -27.67 4.61
CA LYS B 188 -4.83 -28.27 5.15
C LYS B 188 -6.03 -28.24 4.17
N ALA B 189 -5.88 -27.57 3.01
CA ALA B 189 -7.00 -27.29 2.08
C ALA B 189 -7.50 -28.59 1.45
N LYS B 190 -8.83 -28.74 1.37
CA LYS B 190 -9.52 -29.84 0.65
C LYS B 190 -9.73 -29.42 -0.80
N LEU B 191 -10.10 -28.16 -1.03
CA LEU B 191 -10.44 -27.64 -2.37
C LEU B 191 -9.91 -26.21 -2.53
N VAL B 192 -9.30 -25.92 -3.67
CA VAL B 192 -8.75 -24.57 -3.96
C VAL B 192 -9.44 -24.06 -5.21
N VAL B 193 -10.24 -23.01 -5.05
CA VAL B 193 -10.95 -22.39 -6.18
C VAL B 193 -10.13 -21.17 -6.59
N SER B 194 -9.80 -21.08 -7.87
CA SER B 194 -9.13 -19.90 -8.46
C SER B 194 -10.10 -19.08 -9.31
N SER B 195 -9.62 -17.95 -9.82
CA SER B 195 -10.37 -16.99 -10.68
C SER B 195 -10.65 -17.62 -12.05
N HIS B 196 -9.68 -18.30 -12.64
CA HIS B 196 -9.71 -18.60 -14.10
C HIS B 196 -9.34 -20.06 -14.41
N SER B 197 -9.31 -20.94 -13.43
CA SER B 197 -9.08 -22.38 -13.72
C SER B 197 -10.04 -23.26 -12.92
N GLU B 198 -10.11 -24.54 -13.29
CA GLU B 198 -10.90 -25.61 -12.61
C GLU B 198 -10.58 -25.67 -11.11
N LYS B 199 -11.60 -25.85 -10.28
CA LYS B 199 -11.38 -26.07 -8.83
C LYS B 199 -10.57 -27.36 -8.71
N GLY B 200 -9.52 -27.34 -7.88
CA GLY B 200 -8.60 -28.46 -7.67
C GLY B 200 -8.30 -28.62 -6.20
N ASP B 201 -7.30 -29.43 -5.88
CA ASP B 201 -6.90 -29.75 -4.48
C ASP B 201 -5.68 -28.90 -4.17
N ALA B 202 -5.08 -29.08 -3.00
CA ALA B 202 -3.94 -28.26 -2.50
C ALA B 202 -2.77 -28.32 -3.50
N SER B 203 -2.74 -29.30 -4.42
CA SER B 203 -1.68 -29.40 -5.45
C SER B 203 -1.64 -28.09 -6.26
N LEU B 204 -2.74 -27.36 -6.34
CA LEU B 204 -2.79 -26.11 -7.12
C LEU B 204 -1.88 -25.05 -6.50
N MET B 205 -1.66 -25.07 -5.18
CA MET B 205 -0.76 -24.10 -4.51
C MET B 205 0.69 -24.39 -4.93
N LYS B 206 1.06 -25.67 -4.94
CA LYS B 206 2.41 -26.12 -5.38
C LYS B 206 2.57 -25.78 -6.87
N ARG B 207 1.55 -26.00 -7.69
CA ARG B 207 1.60 -25.75 -9.15
C ARG B 207 1.86 -24.25 -9.40
N THR B 208 1.21 -23.40 -8.60
CA THR B 208 1.33 -21.92 -8.70
C THR B 208 2.77 -21.53 -8.39
N TRP B 209 3.33 -22.10 -7.32
CA TRP B 209 4.75 -21.86 -6.96
C TRP B 209 5.63 -22.10 -8.18
N GLU B 210 5.49 -23.23 -8.87
CA GLU B 210 6.33 -23.59 -10.05
C GLU B 210 6.20 -22.50 -11.12
N GLN B 211 4.98 -22.05 -11.38
CA GLN B 211 4.70 -21.11 -12.49
C GLN B 211 5.27 -19.74 -12.16
N ALA B 212 5.30 -19.34 -10.90
CA ALA B 212 5.89 -18.04 -10.49
C ALA B 212 7.40 -18.06 -10.79
N LEU B 213 8.10 -19.11 -10.33
CA LEU B 213 9.56 -19.24 -10.56
C LEU B 213 9.81 -19.20 -12.07
N LYS B 214 9.03 -19.97 -12.83
CA LYS B 214 9.14 -20.03 -14.31
C LYS B 214 8.96 -18.62 -14.87
N GLY B 215 7.93 -17.91 -14.42
CA GLY B 215 7.60 -16.54 -14.87
C GLY B 215 8.66 -15.56 -14.45
N LEU B 216 9.27 -15.75 -13.28
CA LEU B 216 10.34 -14.85 -12.77
C LEU B 216 11.54 -14.93 -13.71
N LYS B 217 11.93 -16.14 -14.11
CA LYS B 217 13.12 -16.35 -14.98
C LYS B 217 12.86 -15.67 -16.33
N GLU B 218 11.67 -15.87 -16.90
CA GLU B 218 11.27 -15.29 -18.21
C GLU B 218 11.48 -13.77 -18.19
N SER B 219 11.52 -13.17 -17.01
CA SER B 219 11.65 -11.70 -16.87
C SER B 219 13.11 -11.26 -16.86
N LYS B 220 14.06 -12.10 -16.42
CA LYS B 220 15.50 -11.70 -16.32
C LYS B 220 16.22 -12.17 -17.59
C11 LHT C . -1.86 -0.03 2.79
C18 LHT C . 8.99 4.03 -0.82
C17 LHT C . 7.14 3.44 2.34
C6 LHT C . 2.29 4.01 -0.14
O6 LHT C . 11.09 4.30 1.14
C5 LHT C . 3.81 3.12 1.34
O5 LHT C . 6.73 2.47 2.85
C16 LHT C . 7.58 3.38 0.92
C4 LHT C . 4.56 3.21 0.05
O4 LHT C . 7.19 4.49 2.84
C3 LHT C . 7.09 2.77 -0.15
C2 LHT C . 7.78 3.32 -1.37
C15 LHT C . 3.47 3.50 -0.99
C1 LHT C . 7.99 2.43 -2.57
C12 LHT C . -0.50 -0.29 2.80
C19 LHT C . 10.31 3.27 -0.75
C10 LHT C . -2.34 1.17 2.30
C21 LHT C . 11.45 3.88 -1.54
C22 LHT C . 11.23 3.83 -3.03
C20 LHT C . 10.82 3.23 0.69
C7 LHT C . 1.23 2.95 0.03
C8 LHT C . -0.12 1.85 1.78
C9 LHT C . -1.48 2.12 1.80
C13 LHT C . 0.00 -1.60 3.30
C14 LHT C . 0.36 0.64 2.27
O7 LHT C . 10.83 2.18 1.28
S1 LHT C . 5.65 1.79 -0.24
N1 LHT C . 2.93 4.25 1.14
O1 LHT C . 0.86 2.26 -0.90
N2 LHT C . 0.72 2.86 1.28
O2 LHT C . -0.74 -2.49 3.56
O3 LHT C . 1.26 -1.70 3.39
N3 LHT C . 8.45 4.22 0.52
O8 LHT C . 11.75 5.19 -1.08
ZN ZN D . 11.79 4.41 3.16
ZN ZN E . 8.36 6.18 1.50
C11 LHT F . -6.22 -18.46 -23.99
C18 LHT F . -8.07 -10.46 -15.52
C17 LHT F . -5.29 -12.67 -14.43
C6 LHT F . -6.95 -16.63 -17.88
O6 LHT F . -7.44 -9.21 -12.92
C5 LHT F . -5.16 -15.53 -17.06
O5 LHT F . -4.18 -12.39 -14.70
C16 LHT F . -6.37 -12.01 -15.21
C4 LHT F . -6.24 -14.47 -17.12
O4 LHT F . -5.63 -13.44 -13.58
C3 LHT F . -6.55 -11.93 -16.52
C2 LHT F . -7.73 -11.09 -16.87
C15 LHT F . -7.35 -15.15 -17.91
C1 LHT F . -7.58 -10.13 -18.03
C12 LHT F . -5.63 -18.98 -22.85
C19 LHT F . -7.56 -9.07 -15.23
C10 LHT F . -7.03 -17.36 -23.90
C21 LHT F . -8.64 -8.01 -14.98
C22 LHT F . -9.55 -7.79 -16.15
C20 LHT F . -6.78 -9.08 -13.92
C7 LHT F . -6.22 -17.00 -19.15
C8 LHT F . -6.65 -17.25 -21.54
C9 LHT F . -7.25 -16.75 -22.69
C13 LHT F . -4.74 -20.17 -22.96
C14 LHT F . -5.83 -18.38 -21.64
O7 LHT F . -5.58 -9.09 -13.99
S1 LHT F . -5.64 -12.85 -17.68
N1 LHT F . -5.98 -16.69 -16.80
O1 LHT F . -5.13 -17.56 -19.11
N2 LHT F . -6.85 -16.66 -20.28
O2 LHT F . -4.51 -20.91 -22.01
O3 LHT F . -4.24 -20.33 -24.14
N3 LHT F . -7.42 -11.46 -14.67
O8 LHT F . -9.44 -8.47 -13.91
ZN ZN G . -5.96 -9.02 -11.39
ZN ZN H . -8.06 -12.41 -12.79
#